data_5KZ0
#
_entry.id   5KZ0
#
_cell.length_a   51.740
_cell.length_b   57.070
_cell.length_c   104.580
_cell.angle_alpha   90.000
_cell.angle_beta   90.000
_cell.angle_gamma   90.000
#
_symmetry.space_group_name_H-M   'P 21 21 21'
#
loop_
_entity.id
_entity.type
_entity.pdbx_description
1 polymer 'ALK tyrosine kinase receptor'
2 non-polymer 2-[(1~{R})-1-[2-azanyl-5-(1,3-dimethylpyrazol-4-yl)pyridin-3-yl]oxyethyl]-4-fluoranyl-~{N},~{N}-dimethyl-benzamide
3 water water
#
_entity_poly.entity_id   1
_entity_poly.type   'polypeptide(L)'
_entity_poly.pdbx_seq_one_letter_code
;MAHHHHHHNPNYCFAGKTSSISDLKEVPRKNITLIRGLGHGAFGEVYEGQVSGMPNDPSPLQVAVKTLPEVCSEQDELDF
LMEALIISKFNHQNIVRCIGVSLQSLPRFILLELMAGGDLKSFLRETRPRPSQPSSLAMLDLLHVARDIACGCQYLEENH
FIHRDIAARNCLLTCPGPGRVAKIGDFGMARDIYRASYYRKGGCAMLPVKWMPPEAFMEGIFTSKTDTWSFGVLLWEIFS
LGYMPYPSKSNQEVLEFVTSGGRMDPPKNCPGPVYRIMTQCWQHQPEDRPNFAIILERIEYCTQDPDVINTALPIEYGPL
VEEEEKV
;
_entity_poly.pdbx_strand_id   A
#
# COMPACT_ATOMS: atom_id res chain seq x y z
N ASN A 9 -20.85 -17.98 -7.44
CA ASN A 9 -20.17 -16.67 -7.56
C ASN A 9 -20.63 -15.67 -6.50
N PRO A 10 -19.67 -15.07 -5.79
CA PRO A 10 -19.90 -14.03 -4.79
C PRO A 10 -20.21 -12.67 -5.43
N ASN A 11 -20.92 -11.82 -4.69
CA ASN A 11 -21.24 -10.46 -5.15
C ASN A 11 -20.15 -9.47 -4.71
N TYR A 12 -20.00 -8.39 -5.46
CA TYR A 12 -19.20 -7.27 -5.02
C TYR A 12 -19.80 -5.95 -5.46
N CYS A 13 -19.92 -4.99 -4.54
CA CYS A 13 -20.49 -3.69 -4.85
C CYS A 13 -19.46 -2.59 -4.64
N PHE A 14 -19.37 -1.67 -5.60
CA PHE A 14 -18.47 -0.54 -5.49
C PHE A 14 -18.93 0.55 -6.43
N ALA A 15 -18.90 1.79 -5.96
CA ALA A 15 -19.21 2.94 -6.82
C ALA A 15 -20.60 2.83 -7.42
N GLY A 16 -21.50 2.17 -6.70
CA GLY A 16 -22.88 2.11 -7.13
C GLY A 16 -23.22 0.96 -8.06
N LYS A 17 -22.30 0.01 -8.19
CA LYS A 17 -22.56 -1.14 -9.05
C LYS A 17 -22.14 -2.47 -8.44
N THR A 18 -23.03 -3.45 -8.55
CA THR A 18 -22.71 -4.82 -8.21
C THR A 18 -22.05 -5.48 -9.41
N SER A 19 -21.08 -6.36 -9.16
CA SER A 19 -20.52 -7.15 -10.23
C SER A 19 -20.22 -8.56 -9.74
N SER A 20 -19.94 -9.44 -10.68
CA SER A 20 -19.74 -10.84 -10.39
C SER A 20 -18.51 -11.33 -11.15
N ILE A 21 -18.05 -12.53 -10.81
CA ILE A 21 -16.92 -13.15 -11.52
C ILE A 21 -17.10 -13.12 -13.03
N SER A 22 -18.34 -13.15 -13.50
CA SER A 22 -18.62 -13.07 -14.93
C SER A 22 -18.13 -11.76 -15.53
N ASP A 23 -18.03 -10.73 -14.70
CA ASP A 23 -17.60 -9.41 -15.15
C ASP A 23 -16.08 -9.30 -15.27
N LEU A 24 -15.37 -10.26 -14.68
CA LEU A 24 -13.93 -10.32 -14.81
C LEU A 24 -13.55 -10.68 -16.23
N LYS A 25 -12.54 -9.99 -16.76
CA LYS A 25 -12.06 -10.25 -18.11
C LYS A 25 -11.18 -11.50 -18.12
N GLU A 26 -11.73 -12.60 -18.60
CA GLU A 26 -10.96 -13.82 -18.75
C GLU A 26 -9.98 -13.69 -19.90
N VAL A 27 -8.70 -13.90 -19.62
CA VAL A 27 -7.69 -13.98 -20.66
C VAL A 27 -7.40 -15.46 -20.91
N PRO A 28 -7.47 -15.90 -22.18
CA PRO A 28 -7.22 -17.31 -22.44
C PRO A 28 -5.79 -17.71 -22.04
N ARG A 29 -5.66 -18.88 -21.42
CA ARG A 29 -4.40 -19.30 -20.82
C ARG A 29 -3.26 -19.39 -21.84
N LYS A 30 -3.60 -19.81 -23.06
CA LYS A 30 -2.60 -19.94 -24.12
C LYS A 30 -1.88 -18.63 -24.40
N ASN A 31 -2.55 -17.51 -24.15
CA ASN A 31 -1.95 -16.21 -24.41
C ASN A 31 -0.99 -15.79 -23.32
N ILE A 32 -1.04 -16.46 -22.18
CA ILE A 32 -0.26 -16.07 -21.01
C ILE A 32 0.99 -16.94 -20.90
N THR A 33 2.12 -16.31 -20.59
CA THR A 33 3.37 -17.04 -20.46
C THR A 33 4.19 -16.53 -19.27
N LEU A 34 4.46 -17.41 -18.31
CA LEU A 34 5.31 -17.05 -17.17
C LEU A 34 6.75 -16.88 -17.60
N ILE A 35 7.43 -15.90 -17.01
CA ILE A 35 8.81 -15.60 -17.36
C ILE A 35 9.75 -15.94 -16.20
N ARG A 36 9.56 -15.26 -15.08
CA ARG A 36 10.35 -15.51 -13.87
C ARG A 36 9.47 -15.35 -12.65
N GLY A 37 9.84 -15.99 -11.55
CA GLY A 37 9.21 -15.66 -10.28
C GLY A 37 9.57 -14.22 -9.96
N LEU A 38 8.88 -13.63 -8.99
CA LEU A 38 9.21 -12.27 -8.53
C LEU A 38 9.24 -12.26 -7.02
N GLY A 39 8.49 -13.18 -6.42
CA GLY A 39 8.42 -13.24 -4.98
C GLY A 39 7.37 -14.20 -4.48
N HIS A 40 7.42 -14.53 -3.20
CA HIS A 40 6.44 -15.39 -2.56
C HIS A 40 5.48 -14.50 -1.76
N GLY A 41 4.18 -14.63 -2.04
CA GLY A 41 3.21 -13.76 -1.40
C GLY A 41 2.48 -14.43 -0.26
N ALA A 42 3.24 -15.05 0.64
CA ALA A 42 2.68 -15.84 1.74
C ALA A 42 1.93 -17.03 1.15
N PHE A 43 0.83 -16.74 0.46
CA PHE A 43 0.04 -17.79 -0.19
C PHE A 43 0.12 -17.66 -1.71
N GLY A 44 0.94 -18.51 -2.33
CA GLY A 44 1.06 -18.50 -3.78
C GLY A 44 2.19 -17.63 -4.29
N GLU A 45 2.66 -17.92 -5.50
CA GLU A 45 3.74 -17.14 -6.11
C GLU A 45 3.21 -15.99 -6.94
N VAL A 46 4.10 -15.04 -7.23
CA VAL A 46 3.84 -14.02 -8.23
C VAL A 46 4.93 -14.08 -9.28
N TYR A 47 4.54 -14.04 -10.55
CA TYR A 47 5.49 -14.18 -11.64
C TYR A 47 5.52 -12.91 -12.45
N GLU A 48 6.59 -12.70 -13.21
CA GLU A 48 6.56 -11.78 -14.34
C GLU A 48 6.09 -12.60 -15.54
N GLY A 49 5.24 -12.01 -16.36
CA GLY A 49 4.69 -12.77 -17.47
C GLY A 49 4.35 -11.90 -18.67
N GLN A 50 3.96 -12.54 -19.76
CA GLN A 50 3.53 -11.83 -20.96
C GLN A 50 2.17 -12.36 -21.39
N VAL A 51 1.32 -11.47 -21.88
CA VAL A 51 0.01 -11.85 -22.40
C VAL A 51 -0.09 -11.44 -23.86
N PRO A 60 3.06 -7.65 -27.47
CA PRO A 60 3.00 -8.40 -26.21
C PRO A 60 2.90 -7.44 -25.02
N LEU A 61 2.23 -7.90 -23.97
CA LEU A 61 1.97 -7.08 -22.79
C LEU A 61 2.63 -7.72 -21.58
N GLN A 62 3.35 -6.93 -20.80
CA GLN A 62 4.07 -7.40 -19.63
C GLN A 62 3.19 -7.35 -18.38
N VAL A 63 3.27 -8.36 -17.54
CA VAL A 63 2.32 -8.51 -16.46
C VAL A 63 2.95 -9.10 -15.20
N ALA A 64 2.39 -8.81 -14.05
CA ALA A 64 2.67 -9.61 -12.88
C ALA A 64 1.51 -10.57 -12.71
N VAL A 65 1.82 -11.84 -12.49
CA VAL A 65 0.79 -12.86 -12.37
C VAL A 65 0.69 -13.34 -10.92
N LYS A 66 -0.45 -13.05 -10.30
CA LYS A 66 -0.72 -13.57 -8.97
C LYS A 66 -1.41 -14.93 -9.09
N THR A 67 -0.82 -15.95 -8.50
CA THR A 67 -1.35 -17.30 -8.66
C THR A 67 -2.08 -17.79 -7.41
N LEU A 68 -3.02 -18.72 -7.62
CA LEU A 68 -3.73 -19.37 -6.53
C LEU A 68 -3.23 -20.80 -6.41
N PRO A 69 -2.73 -21.19 -5.23
CA PRO A 69 -2.30 -22.57 -5.04
C PRO A 69 -3.41 -23.53 -5.45
N GLU A 70 -3.05 -24.55 -6.22
CA GLU A 70 -4.02 -25.54 -6.63
C GLU A 70 -4.60 -26.25 -5.40
N VAL A 71 -3.76 -26.46 -4.40
CA VAL A 71 -4.23 -26.96 -3.11
C VAL A 71 -4.47 -25.82 -2.15
N CYS A 72 -5.74 -25.52 -1.89
CA CYS A 72 -6.13 -24.43 -1.01
C CYS A 72 -7.56 -24.67 -0.54
N SER A 73 -7.93 -24.06 0.58
CA SER A 73 -9.28 -24.23 1.10
C SER A 73 -10.26 -23.44 0.23
N GLU A 74 -11.55 -23.61 0.50
CA GLU A 74 -12.57 -22.89 -0.25
C GLU A 74 -12.52 -21.40 0.07
N GLN A 75 -12.03 -21.06 1.26
CA GLN A 75 -11.92 -19.67 1.65
C GLN A 75 -10.74 -19.00 0.96
N ASP A 76 -9.62 -19.70 0.86
CA ASP A 76 -8.50 -19.21 0.08
C ASP A 76 -9.00 -18.74 -1.29
N GLU A 77 -9.90 -19.52 -1.89
CA GLU A 77 -10.39 -19.24 -3.23
C GLU A 77 -11.29 -18.03 -3.29
N LEU A 78 -12.30 -18.00 -2.42
CA LEU A 78 -13.22 -16.88 -2.38
C LEU A 78 -12.42 -15.61 -2.16
N ASP A 79 -11.47 -15.66 -1.23
CA ASP A 79 -10.59 -14.53 -1.00
C ASP A 79 -9.98 -14.11 -2.34
N PHE A 80 -9.52 -15.09 -3.11
CA PHE A 80 -8.85 -14.85 -4.37
C PHE A 80 -9.79 -14.21 -5.40
N LEU A 81 -10.94 -14.83 -5.60
CA LEU A 81 -11.95 -14.30 -6.52
C LEU A 81 -12.34 -12.90 -6.09
N MET A 82 -12.38 -12.68 -4.78
CA MET A 82 -12.84 -11.41 -4.24
C MET A 82 -11.82 -10.32 -4.54
N GLU A 83 -10.55 -10.67 -4.47
CA GLU A 83 -9.49 -9.70 -4.69
C GLU A 83 -9.49 -9.22 -6.14
N ALA A 84 -9.77 -10.13 -7.06
CA ALA A 84 -9.87 -9.78 -8.48
C ALA A 84 -11.02 -8.82 -8.70
N LEU A 85 -12.18 -9.14 -8.13
CA LEU A 85 -13.36 -8.31 -8.22
C LEU A 85 -13.08 -6.91 -7.70
N ILE A 86 -12.34 -6.82 -6.60
CA ILE A 86 -12.07 -5.53 -5.99
C ILE A 86 -11.16 -4.70 -6.87
N ILE A 87 -10.04 -5.28 -7.29
CA ILE A 87 -9.06 -4.53 -8.05
C ILE A 87 -9.56 -4.15 -9.46
N SER A 88 -10.42 -4.97 -10.03
CA SER A 88 -10.92 -4.68 -11.37
C SER A 88 -11.85 -3.48 -11.42
N LYS A 89 -12.59 -3.24 -10.33
CA LYS A 89 -13.59 -2.19 -10.36
C LYS A 89 -13.02 -0.81 -10.05
N PHE A 90 -11.81 -0.78 -9.48
CA PHE A 90 -11.10 0.47 -9.26
C PHE A 90 -10.62 1.05 -10.58
N ASN A 91 -10.79 2.36 -10.74
CA ASN A 91 -10.21 3.09 -11.87
C ASN A 91 -9.48 4.37 -11.42
N HIS A 92 -8.17 4.25 -11.24
CA HIS A 92 -7.37 5.38 -10.76
C HIS A 92 -5.88 5.19 -11.05
N GLN A 93 -5.16 6.29 -11.22
CA GLN A 93 -3.76 6.22 -11.63
C GLN A 93 -2.83 5.76 -10.52
N ASN A 94 -3.28 5.81 -9.26
CA ASN A 94 -2.45 5.37 -8.16
C ASN A 94 -2.95 4.09 -7.54
N ILE A 95 -3.78 3.38 -8.29
CA ILE A 95 -4.14 2.02 -7.94
C ILE A 95 -3.78 1.09 -9.08
N VAL A 96 -3.08 0.02 -8.75
CA VAL A 96 -2.53 -0.89 -9.73
C VAL A 96 -3.66 -1.45 -10.60
N ARG A 97 -3.43 -1.49 -11.91
CA ARG A 97 -4.45 -1.94 -12.84
C ARG A 97 -4.49 -3.46 -12.91
N CYS A 98 -5.66 -3.99 -13.21
CA CYS A 98 -5.81 -5.41 -13.47
C CYS A 98 -6.04 -5.60 -14.95
N ILE A 99 -5.12 -6.30 -15.62
CA ILE A 99 -5.24 -6.58 -17.04
C ILE A 99 -6.35 -7.60 -17.30
N GLY A 100 -6.58 -8.47 -16.33
CA GLY A 100 -7.62 -9.47 -16.49
C GLY A 100 -7.42 -10.61 -15.52
N VAL A 101 -8.08 -11.74 -15.77
CA VAL A 101 -7.84 -12.94 -15.00
C VAL A 101 -7.77 -14.15 -15.90
N SER A 102 -7.32 -15.26 -15.32
CA SER A 102 -7.39 -16.55 -15.99
C SER A 102 -7.87 -17.54 -14.94
N LEU A 103 -9.19 -17.58 -14.75
CA LEU A 103 -9.78 -18.42 -13.73
C LEU A 103 -10.08 -19.82 -14.25
N GLN A 104 -10.23 -19.96 -15.56
CA GLN A 104 -10.69 -21.20 -16.16
C GLN A 104 -9.55 -22.16 -16.44
N SER A 105 -8.45 -22.00 -15.72
CA SER A 105 -7.41 -23.00 -15.72
C SER A 105 -6.74 -23.03 -14.35
N LEU A 106 -6.11 -24.15 -14.03
CA LEU A 106 -5.40 -24.28 -12.77
C LEU A 106 -3.90 -24.35 -13.04
N PRO A 107 -3.10 -23.65 -12.24
CA PRO A 107 -3.57 -22.75 -11.17
C PRO A 107 -4.23 -21.48 -11.72
N ARG A 108 -5.12 -20.90 -10.94
CA ARG A 108 -5.81 -19.70 -11.37
C ARG A 108 -4.87 -18.48 -11.31
N PHE A 109 -5.03 -17.56 -12.26
CA PHE A 109 -4.17 -16.38 -12.34
C PHE A 109 -4.96 -15.08 -12.16
N ILE A 110 -4.37 -14.15 -11.43
CA ILE A 110 -4.82 -12.76 -11.51
C ILE A 110 -3.74 -11.97 -12.21
N LEU A 111 -4.11 -11.22 -13.25
CA LEU A 111 -3.13 -10.50 -14.05
C LEU A 111 -3.12 -9.01 -13.69
N LEU A 112 -1.96 -8.52 -13.26
CA LEU A 112 -1.84 -7.13 -12.83
C LEU A 112 -0.83 -6.36 -13.66
N GLU A 113 -1.01 -5.05 -13.70
CA GLU A 113 0.04 -4.13 -14.15
C GLU A 113 1.38 -4.49 -13.51
N LEU A 114 2.39 -4.75 -14.33
CA LEU A 114 3.74 -5.05 -13.84
C LEU A 114 4.43 -3.79 -13.36
N MET A 115 4.76 -3.74 -12.08
CA MET A 115 5.37 -2.56 -11.48
C MET A 115 6.86 -2.80 -11.31
N ALA A 116 7.64 -2.34 -12.29
CA ALA A 116 9.06 -2.61 -12.38
C ALA A 116 9.85 -2.26 -11.13
N GLY A 117 9.35 -1.28 -10.37
CA GLY A 117 10.08 -0.82 -9.21
C GLY A 117 9.93 -1.71 -7.99
N GLY A 118 9.05 -2.70 -8.09
CA GLY A 118 8.79 -3.56 -6.96
C GLY A 118 8.03 -2.85 -5.86
N ASP A 119 7.93 -3.48 -4.70
CA ASP A 119 7.20 -2.88 -3.60
C ASP A 119 7.95 -1.71 -2.97
N LEU A 120 7.20 -0.81 -2.35
CA LEU A 120 7.75 0.44 -1.85
C LEU A 120 8.73 0.25 -0.71
N LYS A 121 8.47 -0.73 0.17
CA LYS A 121 9.33 -0.99 1.31
C LYS A 121 10.70 -1.49 0.90
N SER A 122 10.72 -2.51 0.03
CA SER A 122 11.97 -3.01 -0.52
C SER A 122 12.71 -1.91 -1.25
N PHE A 123 11.97 -1.08 -1.99
CA PHE A 123 12.58 -0.03 -2.77
C PHE A 123 13.34 0.96 -1.89
N LEU A 124 12.72 1.38 -0.80
CA LEU A 124 13.32 2.37 0.09
C LEU A 124 14.56 1.81 0.76
N ARG A 125 14.54 0.52 1.09
CA ARG A 125 15.65 -0.08 1.80
C ARG A 125 16.86 -0.24 0.90
N GLU A 126 16.63 -0.65 -0.34
CA GLU A 126 17.71 -0.95 -1.26
C GLU A 126 18.22 0.28 -1.99
N THR A 127 17.42 1.35 -2.01
CA THR A 127 17.85 2.56 -2.70
C THR A 127 18.11 3.72 -1.74
N ARG A 128 18.29 3.41 -0.47
CA ARG A 128 18.70 4.41 0.50
C ARG A 128 19.96 5.12 0.01
N PRO A 129 20.05 6.44 0.24
CA PRO A 129 21.30 7.12 -0.11
C PRO A 129 22.50 6.52 0.63
N ARG A 130 23.57 6.29 -0.13
CA ARG A 130 24.72 5.51 0.31
C ARG A 130 25.97 6.34 0.05
N PRO A 131 27.09 6.00 0.70
CA PRO A 131 28.32 6.73 0.41
C PRO A 131 28.71 6.66 -1.07
N SER A 132 28.54 5.49 -1.67
CA SER A 132 28.77 5.31 -3.11
C SER A 132 27.71 6.05 -3.95
N GLN A 133 26.45 5.92 -3.55
CA GLN A 133 25.36 6.63 -4.20
C GLN A 133 24.78 7.68 -3.25
N PRO A 134 25.49 8.80 -3.08
CA PRO A 134 25.19 9.79 -2.05
C PRO A 134 23.83 10.47 -2.21
N SER A 135 23.30 10.46 -3.43
CA SER A 135 22.07 11.18 -3.73
C SER A 135 21.09 10.33 -4.52
N SER A 136 20.95 9.07 -4.13
CA SER A 136 20.06 8.13 -4.81
C SER A 136 18.60 8.48 -4.57
N LEU A 137 18.36 9.28 -3.53
CA LEU A 137 17.00 9.64 -3.11
C LEU A 137 17.04 11.00 -2.41
N ALA A 138 16.11 11.88 -2.78
CA ALA A 138 16.01 13.18 -2.14
C ALA A 138 14.63 13.37 -1.52
N MET A 139 14.50 14.36 -0.66
CA MET A 139 13.23 14.64 -0.01
C MET A 139 12.08 14.71 -1.03
N LEU A 140 12.33 15.31 -2.18
CA LEU A 140 11.27 15.49 -3.17
C LEU A 140 10.75 14.15 -3.69
N ASP A 141 11.62 13.15 -3.75
CA ASP A 141 11.24 11.80 -4.16
C ASP A 141 10.20 11.21 -3.21
N LEU A 142 10.46 11.35 -1.91
CA LEU A 142 9.56 10.79 -0.90
C LEU A 142 8.25 11.55 -0.91
N LEU A 143 8.33 12.88 -0.94
CA LEU A 143 7.16 13.72 -1.08
C LEU A 143 6.30 13.29 -2.26
N HIS A 144 6.93 12.90 -3.36
CA HIS A 144 6.19 12.43 -4.52
C HIS A 144 5.57 11.05 -4.30
N VAL A 145 6.29 10.14 -3.65
CA VAL A 145 5.69 8.86 -3.32
C VAL A 145 4.46 9.08 -2.43
N ALA A 146 4.61 9.89 -1.39
CA ALA A 146 3.54 10.17 -0.44
C ALA A 146 2.28 10.72 -1.12
N ARG A 147 2.47 11.74 -1.94
CA ARG A 147 1.36 12.34 -2.70
C ARG A 147 0.65 11.30 -3.55
N ASP A 148 1.43 10.45 -4.23
CA ASP A 148 0.87 9.41 -5.07
C ASP A 148 -0.12 8.54 -4.29
N ILE A 149 0.36 7.96 -3.19
CA ILE A 149 -0.46 7.07 -2.39
C ILE A 149 -1.64 7.79 -1.73
N ALA A 150 -1.42 9.02 -1.26
CA ALA A 150 -2.50 9.79 -0.64
C ALA A 150 -3.57 10.11 -1.67
N CYS A 151 -3.17 10.19 -2.93
CA CYS A 151 -4.11 10.50 -3.99
C CYS A 151 -4.97 9.26 -4.24
N GLY A 152 -4.33 8.10 -4.22
CA GLY A 152 -5.06 6.85 -4.29
C GLY A 152 -5.95 6.66 -3.07
N CYS A 153 -5.48 7.09 -1.90
CA CYS A 153 -6.28 7.03 -0.68
C CYS A 153 -7.47 7.98 -0.77
N GLN A 154 -7.25 9.14 -1.39
CA GLN A 154 -8.33 10.09 -1.60
C GLN A 154 -9.40 9.41 -2.45
N TYR A 155 -8.98 8.71 -3.49
CA TYR A 155 -9.91 8.05 -4.41
C TYR A 155 -10.71 6.98 -3.68
N LEU A 156 -10.04 6.20 -2.83
CA LEU A 156 -10.74 5.19 -2.04
C LEU A 156 -11.75 5.87 -1.10
N GLU A 157 -11.29 6.90 -0.40
CA GLU A 157 -12.11 7.56 0.60
C GLU A 157 -13.41 8.06 0.00
N GLU A 158 -13.33 8.70 -1.16
CA GLU A 158 -14.49 9.34 -1.73
C GLU A 158 -15.40 8.33 -2.42
N ASN A 159 -14.90 7.10 -2.55
CA ASN A 159 -15.74 5.98 -2.96
C ASN A 159 -16.12 5.09 -1.79
N HIS A 160 -15.85 5.57 -0.58
CA HIS A 160 -16.32 4.90 0.63
C HIS A 160 -15.75 3.49 0.71
N PHE A 161 -14.52 3.32 0.26
CA PHE A 161 -13.82 2.04 0.41
C PHE A 161 -12.69 2.19 1.41
N ILE A 162 -12.69 1.32 2.42
CA ILE A 162 -11.72 1.41 3.50
C ILE A 162 -10.65 0.34 3.32
N HIS A 163 -9.40 0.74 3.15
CA HIS A 163 -8.37 -0.22 2.79
C HIS A 163 -7.93 -1.13 3.94
N ARG A 164 -7.84 -0.58 5.15
CA ARG A 164 -7.54 -1.37 6.35
C ARG A 164 -6.08 -1.77 6.55
N ASP A 165 -5.25 -1.67 5.52
CA ASP A 165 -3.83 -1.93 5.73
C ASP A 165 -2.93 -1.14 4.80
N ILE A 166 -3.04 0.19 4.85
CA ILE A 166 -2.16 1.05 4.09
C ILE A 166 -0.76 1.00 4.68
N ALA A 167 0.18 0.45 3.94
CA ALA A 167 1.55 0.29 4.44
C ALA A 167 2.49 0.13 3.25
N ALA A 168 3.75 0.48 3.46
CA ALA A 168 4.72 0.51 2.38
C ALA A 168 4.81 -0.82 1.62
N ARG A 169 4.59 -1.92 2.32
CA ARG A 169 4.71 -3.25 1.73
C ARG A 169 3.58 -3.55 0.74
N ASN A 170 2.48 -2.80 0.85
CA ASN A 170 1.35 -2.95 -0.05
C ASN A 170 1.30 -1.84 -1.10
N CYS A 171 2.39 -1.11 -1.25
CA CYS A 171 2.53 -0.16 -2.35
C CYS A 171 3.61 -0.60 -3.32
N LEU A 172 3.41 -0.30 -4.61
CA LEU A 172 4.36 -0.66 -5.66
C LEU A 172 4.82 0.58 -6.43
N LEU A 173 5.91 0.46 -7.16
CA LEU A 173 6.38 1.54 -8.02
C LEU A 173 6.50 1.12 -9.49
N THR A 174 6.08 1.99 -10.41
CA THR A 174 6.15 1.70 -11.84
C THR A 174 7.57 1.41 -12.32
N CYS A 175 8.51 2.22 -11.85
CA CYS A 175 9.91 2.07 -12.25
C CYS A 175 10.85 2.58 -11.14
N PRO A 176 12.09 2.06 -11.11
CA PRO A 176 13.11 2.49 -10.15
C PRO A 176 13.51 3.95 -10.34
N GLY A 177 13.45 4.42 -11.58
CA GLY A 177 13.97 5.73 -11.90
C GLY A 177 13.11 6.86 -11.37
N PRO A 178 13.56 8.11 -11.56
CA PRO A 178 12.95 9.31 -10.97
C PRO A 178 11.50 9.56 -11.41
N GLY A 179 11.18 9.16 -12.63
CA GLY A 179 9.81 9.35 -13.09
C GLY A 179 8.88 8.29 -12.53
N ARG A 180 9.25 7.73 -11.38
CA ARG A 180 8.49 6.63 -10.78
C ARG A 180 7.12 7.09 -10.26
N VAL A 181 6.13 6.20 -10.32
CA VAL A 181 4.80 6.47 -9.78
C VAL A 181 4.41 5.41 -8.77
N ALA A 182 3.99 5.84 -7.59
CA ALA A 182 3.59 4.91 -6.54
C ALA A 182 2.10 4.65 -6.61
N LYS A 183 1.71 3.38 -6.49
CA LYS A 183 0.31 3.00 -6.49
C LYS A 183 0.06 2.04 -5.35
N ILE A 184 -1.19 1.92 -4.93
CA ILE A 184 -1.57 0.86 -3.99
C ILE A 184 -1.78 -0.42 -4.79
N GLY A 185 -1.25 -1.53 -4.30
CA GLY A 185 -1.11 -2.70 -5.14
C GLY A 185 -1.57 -4.01 -4.52
N ASP A 186 -1.83 -3.99 -3.22
CA ASP A 186 -2.39 -5.16 -2.55
C ASP A 186 -3.64 -4.78 -1.77
N PHE A 187 -4.66 -5.64 -1.85
CA PHE A 187 -5.95 -5.40 -1.19
C PHE A 187 -6.42 -6.63 -0.43
N GLY A 188 -5.48 -7.43 0.05
CA GLY A 188 -5.84 -8.69 0.68
C GLY A 188 -6.29 -8.53 2.11
N MET A 189 -6.26 -7.29 2.61
CA MET A 189 -6.72 -7.02 3.97
C MET A 189 -8.18 -6.63 3.97
N ALA A 190 -8.54 -5.67 3.12
CA ALA A 190 -9.94 -5.28 2.95
C ALA A 190 -10.69 -6.43 2.30
N ARG A 191 -9.94 -7.46 1.89
CA ARG A 191 -10.52 -8.65 1.28
C ARG A 191 -10.93 -9.64 2.37
N ASP A 192 -10.01 -9.96 3.28
CA ASP A 192 -10.29 -10.86 4.39
C ASP A 192 -11.41 -10.32 5.28
N ILE A 193 -11.63 -9.01 5.24
CA ILE A 193 -12.72 -8.39 5.98
C ILE A 193 -13.91 -8.13 5.07
N GLY A 202 -7.27 -15.61 10.25
CA GLY A 202 -6.47 -14.54 10.82
C GLY A 202 -6.45 -14.58 12.34
N GLY A 203 -5.57 -13.78 12.94
CA GLY A 203 -5.49 -13.72 14.40
C GLY A 203 -4.84 -12.42 14.87
N CYS A 204 -4.53 -12.36 16.16
CA CYS A 204 -3.88 -11.18 16.73
C CYS A 204 -2.57 -10.84 16.03
N ALA A 205 -1.63 -11.78 16.09
CA ALA A 205 -0.28 -11.55 15.58
C ALA A 205 -0.24 -11.39 14.06
N MET A 206 -1.40 -11.55 13.43
CA MET A 206 -1.55 -11.35 11.99
C MET A 206 -1.99 -9.91 11.67
N LEU A 207 -2.99 -9.41 12.41
CA LEU A 207 -3.42 -8.02 12.27
C LEU A 207 -2.20 -7.11 12.24
N PRO A 208 -2.20 -6.11 11.35
CA PRO A 208 -1.10 -5.15 11.28
C PRO A 208 -1.32 -4.03 12.29
N VAL A 209 -1.12 -4.32 13.58
CA VAL A 209 -1.55 -3.39 14.62
C VAL A 209 -0.68 -2.14 14.65
N LYS A 210 0.52 -2.22 14.08
CA LYS A 210 1.41 -1.07 14.03
C LYS A 210 0.96 -0.02 13.03
N TRP A 211 -0.01 -0.38 12.19
CA TRP A 211 -0.58 0.57 11.25
C TRP A 211 -2.01 0.94 11.64
N MET A 212 -2.42 0.50 12.82
CA MET A 212 -3.82 0.68 13.20
C MET A 212 -4.07 1.73 14.26
N PRO A 213 -5.10 2.57 14.05
CA PRO A 213 -5.59 3.51 15.06
C PRO A 213 -6.20 2.77 16.24
N PRO A 214 -6.27 3.44 17.41
CA PRO A 214 -6.72 2.80 18.66
C PRO A 214 -8.11 2.21 18.59
N GLU A 215 -9.06 2.92 17.99
CA GLU A 215 -10.44 2.41 17.92
C GLU A 215 -10.58 1.20 17.00
N ALA A 216 -9.61 1.02 16.10
CA ALA A 216 -9.64 -0.10 15.18
C ALA A 216 -9.24 -1.39 15.88
N PHE A 217 -8.20 -1.34 16.71
CA PHE A 217 -7.77 -2.56 17.36
C PHE A 217 -8.39 -2.78 18.73
N MET A 218 -9.07 -1.75 19.24
CA MET A 218 -9.81 -1.92 20.48
C MET A 218 -11.19 -2.45 20.14
N GLU A 219 -11.89 -1.74 19.26
CA GLU A 219 -13.32 -1.94 19.05
C GLU A 219 -13.66 -2.62 17.73
N GLY A 220 -12.66 -2.80 16.86
CA GLY A 220 -12.94 -3.33 15.53
C GLY A 220 -13.68 -2.32 14.66
N ILE A 221 -13.69 -1.06 15.08
CA ILE A 221 -14.38 -0.01 14.32
C ILE A 221 -13.54 0.53 13.18
N PHE A 222 -14.04 0.41 11.96
CA PHE A 222 -13.39 0.97 10.78
C PHE A 222 -14.23 2.03 10.09
N THR A 223 -13.59 3.16 9.79
CA THR A 223 -14.22 4.26 9.05
C THR A 223 -13.17 4.73 8.05
N SER A 224 -13.46 5.82 7.34
CA SER A 224 -12.44 6.38 6.45
C SER A 224 -11.23 6.88 7.26
N LYS A 225 -11.47 7.28 8.51
CA LYS A 225 -10.40 7.82 9.35
C LYS A 225 -9.41 6.74 9.76
N THR A 226 -9.75 5.49 9.46
CA THR A 226 -8.81 4.38 9.67
C THR A 226 -7.59 4.56 8.78
N ASP A 227 -7.85 4.78 7.49
CA ASP A 227 -6.78 4.91 6.51
C ASP A 227 -5.94 6.16 6.75
N THR A 228 -6.54 7.20 7.32
CA THR A 228 -5.77 8.39 7.66
C THR A 228 -4.68 8.07 8.69
N TRP A 229 -5.04 7.32 9.73
CA TRP A 229 -4.05 6.92 10.72
C TRP A 229 -2.95 6.10 10.08
N SER A 230 -3.36 5.06 9.35
CA SER A 230 -2.43 4.20 8.64
C SER A 230 -1.52 4.98 7.71
N PHE A 231 -2.07 5.98 7.03
CA PHE A 231 -1.26 6.74 6.09
C PHE A 231 -0.14 7.48 6.81
N GLY A 232 -0.41 7.96 8.02
CA GLY A 232 0.63 8.58 8.82
C GLY A 232 1.78 7.64 9.09
N VAL A 233 1.48 6.37 9.38
CA VAL A 233 2.52 5.38 9.65
C VAL A 233 3.32 5.09 8.37
N LEU A 234 2.63 4.92 7.25
CA LEU A 234 3.28 4.83 5.95
C LEU A 234 4.16 6.04 5.69
N LEU A 235 3.66 7.22 6.04
CA LEU A 235 4.46 8.43 5.87
C LEU A 235 5.76 8.24 6.63
N TRP A 236 5.66 7.71 7.85
CA TRP A 236 6.82 7.42 8.67
C TRP A 236 7.72 6.38 8.02
N GLU A 237 7.11 5.37 7.39
CA GLU A 237 7.90 4.36 6.72
C GLU A 237 8.68 5.01 5.59
N ILE A 238 8.00 5.85 4.82
CA ILE A 238 8.63 6.52 3.70
C ILE A 238 9.83 7.36 4.14
N PHE A 239 9.63 8.27 5.10
CA PHE A 239 10.69 9.22 5.42
C PHE A 239 11.78 8.69 6.34
N SER A 240 11.60 7.48 6.85
CA SER A 240 12.68 6.79 7.53
C SER A 240 13.44 5.92 6.54
N LEU A 241 12.97 5.89 5.30
CA LEU A 241 13.56 5.07 4.24
C LEU A 241 13.39 3.55 4.47
N GLY A 242 12.23 3.15 4.98
CA GLY A 242 11.88 1.74 4.95
C GLY A 242 12.05 0.99 6.25
N TYR A 243 12.01 1.69 7.38
CA TYR A 243 12.11 1.01 8.67
C TYR A 243 10.79 0.44 9.14
N MET A 244 10.87 -0.63 9.91
CA MET A 244 9.73 -1.11 10.65
C MET A 244 9.33 -0.03 11.64
N PRO A 245 8.04 0.35 11.66
CA PRO A 245 7.42 1.27 12.62
C PRO A 245 7.64 0.89 14.09
N TYR A 246 7.50 1.88 14.97
CA TYR A 246 7.83 1.73 16.38
C TYR A 246 9.01 0.79 16.53
N PRO A 247 10.21 1.25 16.15
CA PRO A 247 11.39 0.40 16.18
C PRO A 247 11.62 -0.18 17.58
N SER A 248 11.88 -1.48 17.62
CA SER A 248 12.24 -2.23 18.83
C SER A 248 11.05 -2.58 19.71
N LYS A 249 9.85 -2.25 19.24
CA LYS A 249 8.61 -2.52 20.00
C LYS A 249 7.80 -3.65 19.38
N SER A 250 7.25 -4.51 20.23
CA SER A 250 6.40 -5.60 19.76
C SER A 250 4.97 -5.12 19.58
N ASN A 251 4.14 -5.94 18.95
CA ASN A 251 2.76 -5.57 18.71
C ASN A 251 2.06 -5.13 19.98
N GLN A 252 2.21 -5.91 21.06
CA GLN A 252 1.50 -5.60 22.30
C GLN A 252 2.01 -4.32 22.96
N GLU A 253 3.31 -4.07 22.83
CA GLU A 253 3.88 -2.87 23.40
C GLU A 253 3.44 -1.66 22.60
N VAL A 254 3.28 -1.82 21.29
CA VAL A 254 2.71 -0.76 20.47
C VAL A 254 1.28 -0.50 20.87
N LEU A 255 0.53 -1.56 21.08
CA LEU A 255 -0.89 -1.44 21.40
C LEU A 255 -1.07 -0.60 22.66
N GLU A 256 -0.30 -0.92 23.70
CA GLU A 256 -0.34 -0.16 24.95
C GLU A 256 0.23 1.24 24.78
N PHE A 257 1.36 1.34 24.10
CA PHE A 257 1.98 2.63 23.80
C PHE A 257 1.04 3.58 23.05
N VAL A 258 0.52 3.13 21.91
CA VAL A 258 -0.38 3.96 21.11
C VAL A 258 -1.62 4.28 21.93
N THR A 259 -2.04 3.33 22.74
CA THR A 259 -3.23 3.51 23.55
C THR A 259 -3.04 4.52 24.67
N SER A 260 -1.80 4.71 25.08
CA SER A 260 -1.47 5.67 26.14
C SER A 260 -1.21 7.07 25.61
N GLY A 261 -1.33 7.23 24.29
CA GLY A 261 -1.06 8.53 23.70
C GLY A 261 0.35 8.67 23.15
N GLY A 262 1.10 7.57 23.14
CA GLY A 262 2.44 7.61 22.56
C GLY A 262 2.41 7.69 21.03
N ARG A 263 3.36 8.41 20.46
CA ARG A 263 3.54 8.44 19.00
C ARG A 263 5.02 8.30 18.63
N MET A 264 5.28 7.91 17.39
CA MET A 264 6.65 7.75 16.93
C MET A 264 7.35 9.10 16.90
N ASP A 265 8.67 9.07 17.04
CA ASP A 265 9.50 10.25 16.84
C ASP A 265 9.72 10.48 15.36
N PRO A 266 10.23 11.65 14.99
CA PRO A 266 10.56 11.89 13.57
C PRO A 266 11.61 10.90 13.09
N PRO A 267 11.48 10.40 11.86
CA PRO A 267 12.57 9.59 11.33
C PRO A 267 13.82 10.48 11.22
N LYS A 268 14.97 9.86 11.00
CA LYS A 268 16.21 10.62 10.85
C LYS A 268 16.07 11.73 9.81
N ASN A 269 16.34 12.97 10.22
CA ASN A 269 16.38 14.12 9.32
C ASN A 269 15.05 14.64 8.80
N CYS A 270 13.95 14.02 9.20
CA CYS A 270 12.63 14.44 8.73
C CYS A 270 12.38 15.92 8.98
N PRO A 271 11.94 16.65 7.94
CA PRO A 271 11.53 18.05 8.11
C PRO A 271 10.31 18.16 9.02
N GLY A 272 10.32 19.17 9.90
CA GLY A 272 9.21 19.41 10.81
C GLY A 272 7.85 19.48 10.14
N PRO A 273 7.72 20.16 8.98
CA PRO A 273 6.43 20.22 8.28
C PRO A 273 5.89 18.84 7.88
N VAL A 274 6.80 17.91 7.59
CA VAL A 274 6.39 16.58 7.18
C VAL A 274 5.97 15.76 8.39
N TYR A 275 6.74 15.86 9.47
CA TYR A 275 6.42 15.21 10.72
C TYR A 275 5.07 15.69 11.25
N ARG A 276 4.74 16.94 10.98
CA ARG A 276 3.50 17.52 11.47
C ARG A 276 2.29 16.84 10.83
N ILE A 277 2.43 16.42 9.57
CA ILE A 277 1.39 15.66 8.89
C ILE A 277 1.15 14.33 9.60
N MET A 278 2.24 13.66 9.94
CA MET A 278 2.20 12.39 10.65
C MET A 278 1.41 12.50 11.95
N THR A 279 1.75 13.48 12.78
CA THR A 279 1.10 13.63 14.07
C THR A 279 -0.38 14.02 13.91
N GLN A 280 -0.69 14.84 12.91
CA GLN A 280 -2.08 15.14 12.59
C GLN A 280 -2.82 13.87 12.21
N CYS A 281 -2.16 12.96 11.48
CA CYS A 281 -2.77 11.69 11.13
C CYS A 281 -2.92 10.78 12.36
N TRP A 282 -2.08 10.98 13.37
CA TRP A 282 -2.12 10.13 14.55
C TRP A 282 -2.96 10.71 15.69
N GLN A 283 -3.97 11.51 15.37
CA GLN A 283 -4.84 12.07 16.41
C GLN A 283 -5.70 10.97 17.02
N HIS A 284 -5.87 11.00 18.33
CA HIS A 284 -6.61 9.94 19.00
C HIS A 284 -8.03 9.88 18.48
N GLN A 285 -8.70 11.04 18.47
CA GLN A 285 -10.04 11.15 17.93
C GLN A 285 -10.01 11.06 16.40
N PRO A 286 -10.75 10.10 15.83
CA PRO A 286 -10.78 10.02 14.37
C PRO A 286 -11.32 11.29 13.71
N GLU A 287 -12.29 11.93 14.33
CA GLU A 287 -12.88 13.15 13.79
C GLU A 287 -11.91 14.33 13.81
N ASP A 288 -10.77 14.17 14.49
CA ASP A 288 -9.74 15.19 14.53
C ASP A 288 -8.66 14.97 13.47
N ARG A 289 -8.68 13.80 12.85
CA ARG A 289 -7.69 13.46 11.83
C ARG A 289 -8.21 13.93 10.47
N PRO A 290 -7.30 14.49 9.65
CA PRO A 290 -7.65 15.03 8.33
C PRO A 290 -8.24 13.99 7.38
N ASN A 291 -9.00 14.47 6.40
CA ASN A 291 -9.33 13.69 5.22
C ASN A 291 -8.20 13.88 4.22
N PHE A 292 -8.15 13.03 3.20
CA PHE A 292 -7.00 13.03 2.32
C PHE A 292 -6.86 14.26 1.41
N ALA A 293 -7.94 15.01 1.22
CA ALA A 293 -7.83 16.27 0.49
C ALA A 293 -6.95 17.21 1.31
N ILE A 294 -7.14 17.24 2.61
CA ILE A 294 -6.31 18.09 3.46
C ILE A 294 -4.88 17.58 3.50
N ILE A 295 -4.72 16.27 3.61
CA ILE A 295 -3.38 15.70 3.63
C ILE A 295 -2.63 16.05 2.35
N LEU A 296 -3.34 16.01 1.22
CA LEU A 296 -2.72 16.36 -0.06
C LEU A 296 -2.31 17.82 -0.08
N GLU A 297 -3.18 18.69 0.45
CA GLU A 297 -2.87 20.10 0.55
C GLU A 297 -1.54 20.28 1.27
N ARG A 298 -1.37 19.56 2.37
CA ARG A 298 -0.20 19.72 3.22
C ARG A 298 1.08 19.13 2.61
N ILE A 299 0.92 18.06 1.85
CA ILE A 299 2.06 17.45 1.17
C ILE A 299 2.49 18.35 0.03
N GLU A 300 1.52 18.91 -0.66
CA GLU A 300 1.77 19.89 -1.70
C GLU A 300 2.52 21.09 -1.14
N TYR A 301 2.18 21.50 0.07
CA TYR A 301 2.84 22.63 0.69
C TYR A 301 4.28 22.31 1.09
N CYS A 302 4.55 21.06 1.43
CA CYS A 302 5.90 20.64 1.78
C CYS A 302 6.80 20.62 0.56
N THR A 303 6.25 20.18 -0.57
CA THR A 303 7.01 20.11 -1.81
C THR A 303 7.35 21.51 -2.32
N GLN A 304 6.56 22.49 -1.89
CA GLN A 304 6.75 23.88 -2.30
C GLN A 304 7.75 24.57 -1.38
N ASP A 305 8.05 23.94 -0.27
CA ASP A 305 8.82 24.57 0.79
C ASP A 305 10.29 24.20 0.73
N PRO A 306 11.14 25.15 0.33
CA PRO A 306 12.56 24.89 0.08
C PRO A 306 13.28 24.32 1.29
N ASP A 307 12.89 24.77 2.48
CA ASP A 307 13.49 24.25 3.70
C ASP A 307 13.16 22.76 3.85
N VAL A 308 12.05 22.33 3.28
CA VAL A 308 11.72 20.92 3.31
C VAL A 308 12.54 20.14 2.31
N ILE A 309 12.47 20.55 1.05
CA ILE A 309 13.00 19.74 -0.04
C ILE A 309 14.51 19.93 -0.24
N ASN A 310 15.06 20.96 0.40
CA ASN A 310 16.52 21.14 0.41
C ASN A 310 17.16 20.36 1.55
N THR A 311 16.34 19.85 2.46
CA THR A 311 16.86 19.07 3.57
C THR A 311 17.43 17.78 3.03
N ALA A 312 18.69 17.51 3.36
CA ALA A 312 19.36 16.30 2.90
C ALA A 312 18.94 15.09 3.75
N LEU A 313 18.78 13.97 3.08
CA LEU A 313 18.51 12.70 3.74
C LEU A 313 19.80 12.10 4.31
N PRO A 314 19.66 11.27 5.34
CA PRO A 314 20.78 10.55 5.98
C PRO A 314 21.42 9.51 5.06
N ILE A 315 22.74 9.44 5.12
CA ILE A 315 23.46 8.41 4.37
C ILE A 315 23.92 7.34 5.35
N GLU A 316 23.44 6.11 5.17
CA GLU A 316 23.81 5.05 6.09
C GLU A 316 25.10 4.38 5.63
N TYR A 317 26.04 4.21 6.55
CA TYR A 317 27.37 3.72 6.20
C TYR A 317 27.42 2.19 6.19
#